data_7EM9
#
_entry.id   7EM9
#
_cell.length_a   41.558
_cell.length_b   114.756
_cell.length_c   46.025
_cell.angle_alpha   90.000
_cell.angle_beta   102.626
_cell.angle_gamma   90.000
#
_symmetry.space_group_name_H-M   'P 1 21 1'
#
loop_
_entity.id
_entity.type
_entity.pdbx_description
1 polymer 'Leucocyte antigen'
2 polymer Beta-2-microglobulin
3 polymer SER-LEU-ASP-GLU-TYR-SER-SER-ASP-VAL
4 water water
#
loop_
_entity_poly.entity_id
_entity_poly.type
_entity_poly.pdbx_seq_one_letter_code
_entity_poly.pdbx_strand_id
1 'polypeptide(L)'
;GPHSLSYFYTAVSRPDRGDSRFIAVGYVDDTQFVRFDSDAPNPRMEPRAPWIQQEGQDYWDRETRKQRDTSQTYRVGLKN
LRGYYNQSEAGSHTYQSMYGCYLGPDGLLLRGYRQYAYDGADYIALNEDLRSWTAADTAAQITKRKWETANVAERRRSYL
QGLCVESLREYLEMGKDTLQRAEPPKTHVTRHPSSDLGVTLRCWALGFYPKEISLTWQREGQDQSQDMELVETRPSGDGT
FQKWAALVVPPGEEQSYTCHVQHEGLQEPLTLRWD
;
A
2 'polypeptide(L)'
;EFVARPPKVQVYSRHPAENGKPNYLNCYVSGFHPPQIEIDLLKNGEKMNAEQSDLSFSKDWSFYLLVHTEFTPNAVDQYS
CRVKHVTLDKPKIVKWDRDH
;
B
3 'polypeptide(L)' SLDEYSSDV C
#
# COMPACT_ATOMS: atom_id res chain seq x y z
N GLY A 1 -18.36 -0.82 1.19
CA GLY A 1 -19.23 -0.33 0.13
C GLY A 1 -19.08 -1.14 -1.14
N PRO A 2 -18.25 -0.62 -2.08
CA PRO A 2 -17.88 -1.42 -3.25
C PRO A 2 -16.63 -2.23 -2.96
N HIS A 3 -16.80 -3.48 -2.52
CA HIS A 3 -15.66 -4.28 -2.13
C HIS A 3 -14.83 -4.63 -3.35
N SER A 4 -13.56 -4.98 -3.10
CA SER A 4 -12.62 -5.27 -4.16
C SER A 4 -11.72 -6.42 -3.75
N LEU A 5 -11.30 -7.19 -4.75
CA LEU A 5 -10.20 -8.14 -4.64
C LEU A 5 -9.13 -7.73 -5.63
N SER A 6 -7.89 -7.56 -5.16
CA SER A 6 -6.80 -7.10 -6.03
C SER A 6 -5.53 -7.88 -5.73
N TYR A 7 -4.76 -8.16 -6.78
CA TYR A 7 -3.42 -8.72 -6.65
C TYR A 7 -2.39 -7.77 -7.22
N PHE A 8 -1.18 -7.82 -6.66
CA PHE A 8 -0.12 -6.91 -7.06
C PHE A 8 1.14 -7.74 -7.25
N TYR A 9 1.71 -7.72 -8.45
CA TYR A 9 2.90 -8.47 -8.79
C TYR A 9 4.07 -7.52 -9.03
N THR A 10 5.24 -7.84 -8.47
CA THR A 10 6.48 -7.11 -8.74
C THR A 10 7.55 -8.13 -9.13
N ALA A 11 8.15 -7.97 -10.32
CA ALA A 11 9.34 -8.74 -10.71
C ALA A 11 10.51 -7.80 -10.96
N VAL A 12 11.67 -8.14 -10.40
CA VAL A 12 12.85 -7.28 -10.44
C VAL A 12 14.07 -8.10 -10.84
N SER A 13 14.87 -7.58 -11.77
CA SER A 13 16.11 -8.25 -12.17
C SER A 13 17.21 -7.94 -11.17
N ARG A 14 18.09 -8.91 -10.98
CA ARG A 14 19.21 -8.76 -10.06
C ARG A 14 20.47 -9.14 -10.83
N PRO A 15 21.18 -8.15 -11.41
CA PRO A 15 22.41 -8.47 -12.15
C PRO A 15 23.43 -9.21 -11.30
N ASP A 16 23.58 -8.82 -10.03
CA ASP A 16 24.54 -9.48 -9.13
C ASP A 16 24.37 -10.99 -9.13
N ARG A 17 23.13 -11.48 -9.08
CA ARG A 17 22.86 -12.91 -9.06
C ARG A 17 22.56 -13.49 -10.44
N GLY A 18 22.41 -12.66 -11.48
CA GLY A 18 22.05 -13.20 -12.77
C GLY A 18 20.68 -13.85 -12.80
N ASP A 19 19.76 -13.41 -11.94
CA ASP A 19 18.39 -13.90 -11.93
C ASP A 19 17.38 -12.79 -11.64
N SER A 20 16.26 -13.15 -11.05
CA SER A 20 15.24 -12.17 -10.71
C SER A 20 14.44 -12.66 -9.51
N ARG A 21 13.66 -11.74 -8.94
CA ARG A 21 12.81 -12.02 -7.80
C ARG A 21 11.39 -11.56 -8.13
N PHE A 22 10.42 -12.45 -7.89
CA PHE A 22 8.99 -12.19 -8.12
C PHE A 22 8.29 -12.21 -6.78
N ILE A 23 7.56 -11.13 -6.48
CA ILE A 23 6.79 -11.03 -5.24
C ILE A 23 5.37 -10.65 -5.61
N ALA A 24 4.40 -11.35 -5.02
CA ALA A 24 2.98 -11.04 -5.22
C ALA A 24 2.32 -10.89 -3.87
N VAL A 25 1.35 -9.98 -3.82
CA VAL A 25 0.52 -9.84 -2.65
C VAL A 25 -0.93 -9.74 -3.11
N GLY A 26 -1.85 -10.21 -2.27
CA GLY A 26 -3.27 -10.07 -2.53
C GLY A 26 -3.92 -9.30 -1.39
N TYR A 27 -4.94 -8.54 -1.75
CA TYR A 27 -5.72 -7.71 -0.84
C TYR A 27 -7.20 -7.94 -1.10
N VAL A 28 -8.00 -7.97 -0.04
CA VAL A 28 -9.43 -7.71 -0.09
C VAL A 28 -9.66 -6.36 0.56
N ASP A 29 -10.20 -5.41 -0.20
CA ASP A 29 -10.25 -4.01 0.19
C ASP A 29 -8.86 -3.57 0.63
N ASP A 30 -8.72 -3.13 1.88
CA ASP A 30 -7.46 -2.65 2.42
C ASP A 30 -6.76 -3.67 3.31
N THR A 31 -7.13 -4.95 3.23
CA THR A 31 -6.56 -6.00 4.09
C THR A 31 -5.75 -6.96 3.23
N GLN A 32 -4.44 -7.01 3.47
CA GLN A 32 -3.61 -7.99 2.78
C GLN A 32 -3.91 -9.38 3.31
N PHE A 33 -4.09 -10.35 2.43
CA PHE A 33 -4.41 -11.68 2.95
C PHE A 33 -3.52 -12.81 2.47
N VAL A 34 -2.70 -12.60 1.43
CA VAL A 34 -1.79 -13.62 0.92
C VAL A 34 -0.53 -12.94 0.43
N ARG A 35 0.56 -13.71 0.38
CA ARG A 35 1.79 -13.27 -0.24
C ARG A 35 2.45 -14.47 -0.92
N PHE A 36 3.32 -14.16 -1.87
CA PHE A 36 4.22 -15.12 -2.52
C PHE A 36 5.55 -14.41 -2.74
N ASP A 37 6.64 -15.13 -2.49
CA ASP A 37 7.98 -14.59 -2.73
C ASP A 37 8.80 -15.71 -3.37
N SER A 38 9.26 -15.50 -4.62
CA SER A 38 10.03 -16.55 -5.29
C SER A 38 11.38 -16.80 -4.60
N ASP A 39 11.85 -15.86 -3.78
CA ASP A 39 13.11 -16.05 -3.08
C ASP A 39 13.01 -17.03 -1.92
N ALA A 40 11.82 -17.24 -1.37
CA ALA A 40 11.65 -18.19 -0.27
C ALA A 40 12.09 -19.57 -0.73
N PRO A 41 12.75 -20.35 0.13
CA PRO A 41 13.02 -21.75 -0.23
C PRO A 41 11.71 -22.51 -0.29
N ASN A 42 11.56 -23.34 -1.31
CA ASN A 42 10.31 -24.06 -1.56
C ASN A 42 9.15 -23.05 -1.60
N PRO A 43 9.16 -22.12 -2.55
CA PRO A 43 8.26 -20.97 -2.46
C PRO A 43 6.80 -21.39 -2.54
N ARG A 44 5.98 -20.86 -1.62
CA ARG A 44 4.57 -21.19 -1.57
C ARG A 44 3.74 -19.93 -1.32
N MET A 45 2.50 -19.96 -1.81
CA MET A 45 1.50 -19.01 -1.36
C MET A 45 1.25 -19.18 0.13
N GLU A 46 1.27 -18.08 0.87
CA GLU A 46 1.24 -18.10 2.32
C GLU A 46 0.15 -17.19 2.85
N PRO A 47 -0.50 -17.58 3.95
CA PRO A 47 -1.55 -16.72 4.52
C PRO A 47 -0.96 -15.52 5.23
N ARG A 48 -1.66 -14.38 5.11
CA ARG A 48 -1.28 -13.15 5.79
C ARG A 48 -2.41 -12.48 6.55
N ALA A 49 -3.58 -13.12 6.61
CA ALA A 49 -4.70 -12.71 7.43
C ALA A 49 -5.26 -13.98 8.04
N PRO A 50 -5.74 -13.95 9.28
CA PRO A 50 -6.12 -15.22 9.92
C PRO A 50 -7.28 -15.89 9.22
N TRP A 51 -8.19 -15.14 8.61
CA TRP A 51 -9.41 -15.74 8.07
C TRP A 51 -9.16 -16.53 6.78
N ILE A 52 -8.05 -16.29 6.09
CA ILE A 52 -7.78 -17.10 4.90
C ILE A 52 -7.25 -18.47 5.26
N GLN A 53 -6.79 -18.64 6.51
CA GLN A 53 -6.29 -19.95 6.94
C GLN A 53 -7.39 -21.01 7.01
N GLN A 54 -8.67 -20.67 6.86
CA GLN A 54 -9.63 -21.76 6.82
C GLN A 54 -9.72 -22.43 5.45
N GLU A 55 -9.06 -21.90 4.41
CA GLU A 55 -8.88 -22.65 3.17
C GLU A 55 -8.06 -23.91 3.42
N GLY A 56 -8.45 -25.00 2.77
CA GLY A 56 -7.76 -26.26 2.90
C GLY A 56 -6.56 -26.39 1.99
N GLN A 57 -5.97 -27.58 2.00
CA GLN A 57 -4.73 -27.79 1.27
C GLN A 57 -4.92 -27.65 -0.24
N ASP A 58 -6.08 -28.03 -0.80
CA ASP A 58 -6.28 -27.88 -2.23
C ASP A 58 -6.04 -26.43 -2.64
N TYR A 59 -6.55 -25.49 -1.85
CA TYR A 59 -6.38 -24.08 -2.17
C TYR A 59 -4.92 -23.64 -2.12
N TRP A 60 -4.19 -23.97 -1.04
CA TRP A 60 -2.79 -23.58 -0.94
C TRP A 60 -1.95 -24.24 -2.03
N ASP A 61 -2.24 -25.50 -2.35
CA ASP A 61 -1.48 -26.19 -3.38
C ASP A 61 -1.72 -25.56 -4.75
N ARG A 62 -2.97 -25.30 -5.09
CA ARG A 62 -3.29 -24.81 -6.42
C ARG A 62 -2.86 -23.34 -6.59
N GLU A 63 -3.04 -22.49 -5.56
CA GLU A 63 -2.52 -21.13 -5.66
C GLU A 63 -1.00 -21.14 -5.80
N THR A 64 -0.31 -22.00 -5.06
CA THR A 64 1.14 -22.08 -5.18
C THR A 64 1.54 -22.45 -6.61
N ARG A 65 0.86 -23.42 -7.19
CA ARG A 65 1.19 -23.84 -8.54
C ARG A 65 1.05 -22.68 -9.52
N LYS A 66 -0.05 -21.91 -9.41
CA LYS A 66 -0.25 -20.75 -10.29
C LYS A 66 0.90 -19.76 -10.17
N GLN A 67 1.34 -19.47 -8.94
CA GLN A 67 2.36 -18.46 -8.74
C GLN A 67 3.72 -18.92 -9.22
N ARG A 68 4.05 -20.19 -9.03
CA ARG A 68 5.30 -20.69 -9.56
C ARG A 68 5.35 -20.52 -11.06
N ASP A 69 4.25 -20.86 -11.75
CA ASP A 69 4.19 -20.67 -13.19
C ASP A 69 4.30 -19.19 -13.55
N THR A 70 3.46 -18.36 -12.93
CA THR A 70 3.48 -16.93 -13.21
C THR A 70 4.86 -16.33 -12.98
N SER A 71 5.51 -16.74 -11.88
CA SER A 71 6.83 -16.24 -11.55
C SER A 71 7.85 -16.56 -12.64
N GLN A 72 7.73 -17.74 -13.25
CA GLN A 72 8.59 -18.08 -14.38
C GLN A 72 8.32 -17.14 -15.56
N THR A 73 7.05 -16.98 -15.92
CA THR A 73 6.68 -16.12 -17.04
C THR A 73 7.23 -14.70 -16.87
N TYR A 74 7.22 -14.17 -15.64
CA TYR A 74 7.72 -12.82 -15.43
C TYR A 74 9.25 -12.76 -15.51
N ARG A 75 9.95 -13.85 -15.19
CA ARG A 75 11.40 -13.81 -15.36
C ARG A 75 11.77 -13.69 -16.83
N VAL A 76 11.07 -14.42 -17.69
CA VAL A 76 11.28 -14.30 -19.14
C VAL A 76 10.92 -12.90 -19.62
N GLY A 77 9.80 -12.36 -19.14
CA GLY A 77 9.40 -11.02 -19.54
C GLY A 77 10.47 -9.98 -19.28
N LEU A 78 11.14 -10.07 -18.13
CA LEU A 78 12.23 -9.15 -17.82
C LEU A 78 13.31 -9.18 -18.90
N LYS A 79 13.67 -10.39 -19.36
CA LYS A 79 14.63 -10.50 -20.46
C LYS A 79 14.09 -9.85 -21.73
N ASN A 80 12.83 -10.14 -22.07
CA ASN A 80 12.20 -9.56 -23.26
C ASN A 80 12.20 -8.04 -23.20
N LEU A 81 11.77 -7.48 -22.08
CA LEU A 81 11.75 -6.04 -21.93
C LEU A 81 13.13 -5.44 -22.10
N ARG A 82 14.16 -6.09 -21.53
CA ARG A 82 15.54 -5.66 -21.73
C ARG A 82 15.87 -5.49 -23.21
N GLY A 83 15.44 -6.45 -24.04
CA GLY A 83 15.67 -6.35 -25.47
C GLY A 83 14.89 -5.23 -26.12
N TYR A 84 13.58 -5.17 -25.84
CA TYR A 84 12.73 -4.13 -26.44
C TYR A 84 13.35 -2.77 -26.25
N TYR A 85 13.99 -2.55 -25.11
CA TYR A 85 14.46 -1.22 -24.75
C TYR A 85 15.96 -1.05 -24.91
N ASN A 86 16.66 -2.03 -25.49
CA ASN A 86 18.08 -1.88 -25.81
C ASN A 86 18.88 -1.62 -24.54
N GLN A 87 18.52 -2.34 -23.48
CA GLN A 87 19.15 -2.22 -22.18
C GLN A 87 20.13 -3.37 -21.99
N SER A 88 21.20 -3.09 -21.26
CA SER A 88 22.17 -4.13 -20.97
C SER A 88 21.78 -4.88 -19.70
N GLU A 89 22.52 -5.94 -19.40
CA GLU A 89 22.31 -6.65 -18.15
C GLU A 89 22.93 -5.96 -16.94
N ALA A 90 23.57 -4.79 -17.11
CA ALA A 90 24.28 -4.19 -15.98
C ALA A 90 23.35 -3.70 -14.87
N GLY A 91 22.14 -3.26 -15.22
CA GLY A 91 21.29 -2.60 -14.24
C GLY A 91 20.02 -3.37 -13.93
N SER A 92 19.37 -3.01 -12.82
CA SER A 92 18.14 -3.66 -12.39
C SER A 92 16.95 -2.99 -13.06
N HIS A 93 15.96 -3.79 -13.43
CA HIS A 93 14.72 -3.24 -13.96
C HIS A 93 13.53 -3.91 -13.28
N THR A 94 12.37 -3.27 -13.41
CA THR A 94 11.17 -3.68 -12.69
C THR A 94 9.99 -3.83 -13.65
N TYR A 95 9.31 -4.98 -13.56
CA TYR A 95 8.11 -5.30 -14.30
C TYR A 95 6.99 -5.56 -13.29
N GLN A 96 5.96 -4.72 -13.31
CA GLN A 96 4.86 -4.84 -12.36
C GLN A 96 3.53 -5.12 -13.06
N SER A 97 2.64 -5.83 -12.38
CA SER A 97 1.27 -6.00 -12.85
C SER A 97 0.32 -5.87 -11.67
N MET A 98 -0.90 -5.43 -11.95
CA MET A 98 -1.95 -5.43 -10.94
C MET A 98 -3.27 -5.69 -11.64
N TYR A 99 -4.15 -6.41 -10.95
CA TYR A 99 -5.46 -6.71 -11.50
C TYR A 99 -6.43 -6.88 -10.34
N GLY A 100 -7.71 -6.83 -10.64
CA GLY A 100 -8.66 -6.92 -9.56
C GLY A 100 -10.07 -6.67 -10.04
N CYS A 101 -11.01 -6.91 -9.15
CA CYS A 101 -12.41 -6.71 -9.46
C CYS A 101 -13.03 -5.86 -8.36
N TYR A 102 -13.85 -4.89 -8.75
CA TYR A 102 -14.63 -4.11 -7.81
C TYR A 102 -16.07 -4.61 -7.86
N LEU A 103 -16.59 -4.97 -6.70
CA LEU A 103 -17.92 -5.56 -6.58
C LEU A 103 -18.94 -4.44 -6.46
N GLY A 104 -19.94 -4.46 -7.35
CA GLY A 104 -20.95 -3.45 -7.32
C GLY A 104 -21.89 -3.62 -6.13
N PRO A 105 -22.91 -2.75 -6.05
CA PRO A 105 -23.88 -2.88 -4.95
C PRO A 105 -24.70 -4.14 -5.06
N ASP A 106 -25.02 -4.58 -6.28
CA ASP A 106 -25.81 -5.77 -6.54
C ASP A 106 -24.97 -7.05 -6.56
N GLY A 107 -23.76 -7.01 -5.99
CA GLY A 107 -22.89 -8.18 -6.08
C GLY A 107 -22.46 -8.51 -7.49
N LEU A 108 -22.54 -7.55 -8.41
CA LEU A 108 -22.07 -7.72 -9.77
C LEU A 108 -20.75 -6.99 -9.96
N LEU A 109 -19.99 -7.44 -10.95
CA LEU A 109 -18.76 -6.75 -11.32
C LEU A 109 -19.06 -5.29 -11.67
N LEU A 110 -18.49 -4.38 -10.89
CA LEU A 110 -18.60 -2.96 -11.16
C LEU A 110 -17.52 -2.49 -12.13
N ARG A 111 -16.34 -3.08 -12.02
CA ARG A 111 -15.17 -2.67 -12.76
C ARG A 111 -14.07 -3.70 -12.52
N GLY A 112 -13.55 -4.29 -13.58
CA GLY A 112 -12.41 -5.18 -13.50
C GLY A 112 -11.26 -4.55 -14.27
N TYR A 113 -10.04 -4.74 -13.79
CA TYR A 113 -8.89 -4.12 -14.43
C TYR A 113 -7.71 -5.09 -14.45
N ARG A 114 -6.78 -4.80 -15.36
CA ARG A 114 -5.50 -5.51 -15.47
C ARG A 114 -4.55 -4.60 -16.23
N GLN A 115 -3.45 -4.21 -15.60
CA GLN A 115 -2.51 -3.31 -16.24
C GLN A 115 -1.10 -3.71 -15.86
N TYR A 116 -0.15 -3.16 -16.59
CA TYR A 116 1.27 -3.46 -16.42
C TYR A 116 2.08 -2.17 -16.49
N ALA A 117 3.24 -2.21 -15.84
CA ALA A 117 4.21 -1.13 -15.87
C ALA A 117 5.59 -1.73 -16.07
N TYR A 118 6.51 -0.91 -16.59
CA TYR A 118 7.92 -1.29 -16.70
C TYR A 118 8.76 -0.11 -16.25
N ASP A 119 9.66 -0.37 -15.32
CA ASP A 119 10.49 0.67 -14.69
C ASP A 119 9.65 1.83 -14.18
N GLY A 120 8.48 1.51 -13.62
CA GLY A 120 7.61 2.48 -13.03
C GLY A 120 6.70 3.23 -13.98
N ALA A 121 6.72 2.93 -15.27
CA ALA A 121 5.92 3.62 -16.27
C ALA A 121 4.83 2.71 -16.81
N ASP A 122 3.62 3.25 -16.97
CA ASP A 122 2.54 2.51 -17.62
C ASP A 122 3.03 1.86 -18.90
N TYR A 123 2.79 0.56 -19.04
CA TYR A 123 3.22 -0.20 -20.20
C TYR A 123 2.05 -0.63 -21.08
N ILE A 124 1.13 -1.44 -20.56
CA ILE A 124 -0.05 -1.85 -21.31
C ILE A 124 -1.18 -2.06 -20.34
N ALA A 125 -2.42 -1.93 -20.83
CA ALA A 125 -3.58 -2.00 -19.96
C ALA A 125 -4.77 -2.56 -20.72
N LEU A 126 -5.54 -3.41 -20.04
CA LEU A 126 -6.84 -3.84 -20.54
C LEU A 126 -7.83 -2.70 -20.41
N ASN A 127 -8.51 -2.40 -21.53
CA ASN A 127 -9.53 -1.34 -21.55
C ASN A 127 -10.76 -1.75 -20.76
N GLU A 128 -11.59 -0.76 -20.40
CA GLU A 128 -12.74 -1.01 -19.55
C GLU A 128 -13.68 -2.06 -20.14
N ASP A 129 -13.78 -2.13 -21.49
CA ASP A 129 -14.64 -3.13 -22.11
C ASP A 129 -14.17 -4.57 -21.87
N LEU A 130 -13.01 -4.76 -21.26
CA LEU A 130 -12.39 -6.08 -21.09
C LEU A 130 -12.19 -6.80 -22.42
N ARG A 131 -12.09 -6.05 -23.52
CA ARG A 131 -11.99 -6.66 -24.84
C ARG A 131 -10.77 -6.26 -25.64
N SER A 132 -10.06 -5.22 -25.24
CA SER A 132 -9.03 -4.62 -26.07
C SER A 132 -7.97 -4.00 -25.17
N TRP A 133 -6.80 -3.75 -25.75
CA TRP A 133 -5.65 -3.24 -25.01
C TRP A 133 -5.28 -1.83 -25.47
N THR A 134 -4.68 -1.10 -24.54
CA THR A 134 -4.03 0.18 -24.83
C THR A 134 -2.57 0.07 -24.43
N ALA A 135 -1.70 0.32 -25.40
CA ALA A 135 -0.26 0.16 -25.25
C ALA A 135 0.42 1.53 -25.26
N ALA A 136 1.43 1.70 -24.40
CA ALA A 136 1.96 3.01 -24.09
C ALA A 136 3.09 3.47 -25.01
N ASP A 137 3.77 2.56 -25.71
CA ASP A 137 4.84 2.99 -26.61
C ASP A 137 5.08 1.87 -27.62
N THR A 138 6.15 2.01 -28.41
CA THR A 138 6.42 1.05 -29.47
C THR A 138 6.61 -0.36 -28.91
N ALA A 139 7.36 -0.48 -27.82
CA ALA A 139 7.62 -1.79 -27.23
C ALA A 139 6.31 -2.48 -26.83
N ALA A 140 5.45 -1.75 -26.12
CA ALA A 140 4.17 -2.29 -25.71
C ALA A 140 3.26 -2.63 -26.90
N GLN A 141 3.49 -2.04 -28.09
CA GLN A 141 2.67 -2.45 -29.23
C GLN A 141 3.01 -3.86 -29.69
N ILE A 142 4.28 -4.26 -29.58
CA ILE A 142 4.67 -5.64 -29.84
C ILE A 142 3.92 -6.59 -28.90
N THR A 143 3.97 -6.29 -27.60
CA THR A 143 3.21 -7.08 -26.64
C THR A 143 1.74 -7.15 -27.02
N LYS A 144 1.15 -5.99 -27.33
CA LYS A 144 -0.27 -5.92 -27.69
C LYS A 144 -0.58 -6.87 -28.83
N ARG A 145 0.27 -6.87 -29.85
CA ARG A 145 0.02 -7.76 -30.99
C ARG A 145 0.09 -9.23 -30.58
N LYS A 146 1.11 -9.60 -29.77
CA LYS A 146 1.20 -10.97 -29.24
C LYS A 146 -0.06 -11.37 -28.49
N TRP A 147 -0.55 -10.48 -27.61
CA TRP A 147 -1.67 -10.84 -26.77
C TRP A 147 -2.98 -10.86 -27.55
N GLU A 148 -3.10 -10.03 -28.60
CA GLU A 148 -4.26 -10.15 -29.48
C GLU A 148 -4.23 -11.49 -30.22
N THR A 149 -3.05 -11.86 -30.72
CA THR A 149 -2.93 -13.11 -31.47
C THR A 149 -3.42 -14.29 -30.65
N ALA A 150 -3.05 -14.31 -29.37
CA ALA A 150 -3.36 -15.41 -28.45
C ALA A 150 -4.66 -15.17 -27.68
N ASN A 151 -5.39 -14.10 -27.98
CA ASN A 151 -6.70 -13.83 -27.39
C ASN A 151 -6.63 -13.79 -25.86
N VAL A 152 -5.62 -13.08 -25.35
CA VAL A 152 -5.46 -12.96 -23.91
C VAL A 152 -6.63 -12.21 -23.29
N ALA A 153 -7.24 -11.27 -24.03
CA ALA A 153 -8.28 -10.44 -23.42
C ALA A 153 -9.45 -11.29 -22.95
N GLU A 154 -9.81 -12.32 -23.73
CA GLU A 154 -10.93 -13.17 -23.33
C GLU A 154 -10.60 -13.94 -22.05
N ARG A 155 -9.35 -14.37 -21.88
CA ARG A 155 -8.92 -15.00 -20.64
C ARG A 155 -9.06 -14.06 -19.43
N ARG A 156 -8.71 -12.78 -19.62
CA ARG A 156 -8.80 -11.83 -18.50
C ARG A 156 -10.24 -11.50 -18.17
N ARG A 157 -11.06 -11.25 -19.20
CA ARG A 157 -12.47 -10.95 -18.97
C ARG A 157 -13.15 -12.10 -18.24
N SER A 158 -12.86 -13.33 -18.65
CA SER A 158 -13.41 -14.52 -18.01
C SER A 158 -13.07 -14.55 -16.52
N TYR A 159 -11.80 -14.31 -16.20
CA TYR A 159 -11.35 -14.32 -14.81
C TYR A 159 -12.02 -13.20 -14.03
N LEU A 160 -12.04 -11.99 -14.59
CA LEU A 160 -12.51 -10.86 -13.81
C LEU A 160 -14.01 -10.92 -13.61
N GLN A 161 -14.74 -11.51 -14.57
CA GLN A 161 -16.19 -11.64 -14.42
C GLN A 161 -16.57 -12.88 -13.62
N GLY A 162 -15.76 -13.94 -13.65
CA GLY A 162 -16.07 -15.22 -13.05
C GLY A 162 -15.35 -15.39 -11.71
N LEU A 163 -14.19 -16.05 -11.72
CA LEU A 163 -13.54 -16.43 -10.46
C LEU A 163 -13.18 -15.24 -9.57
N CYS A 164 -12.86 -14.08 -10.12
CA CYS A 164 -12.48 -12.95 -9.26
C CYS A 164 -13.62 -12.56 -8.34
N VAL A 165 -14.80 -12.38 -8.93
CA VAL A 165 -15.99 -12.03 -8.17
C VAL A 165 -16.40 -13.17 -7.26
N GLU A 166 -16.43 -14.39 -7.79
CA GLU A 166 -16.86 -15.54 -7.01
C GLU A 166 -16.00 -15.70 -5.76
N SER A 167 -14.67 -15.64 -5.93
CA SER A 167 -13.80 -15.81 -4.77
C SER A 167 -13.90 -14.62 -3.81
N LEU A 168 -14.01 -13.40 -4.30
CA LEU A 168 -14.17 -12.25 -3.40
C LEU A 168 -15.38 -12.42 -2.49
N ARG A 169 -16.51 -12.84 -3.06
CA ARG A 169 -17.70 -13.10 -2.26
C ARG A 169 -17.41 -14.08 -1.13
N GLU A 170 -16.65 -15.14 -1.43
CA GLU A 170 -16.30 -16.11 -0.39
C GLU A 170 -15.41 -15.47 0.68
N TYR A 171 -14.36 -14.75 0.27
CA TYR A 171 -13.49 -14.10 1.25
C TYR A 171 -14.29 -13.16 2.15
N LEU A 172 -15.21 -12.40 1.57
CA LEU A 172 -15.96 -11.42 2.36
C LEU A 172 -16.79 -12.10 3.43
N GLU A 173 -17.35 -13.27 3.13
CA GLU A 173 -18.13 -13.99 4.13
C GLU A 173 -17.20 -14.64 5.15
N MET A 174 -16.18 -15.34 4.64
CA MET A 174 -15.13 -15.94 5.46
C MET A 174 -14.59 -14.96 6.50
N GLY A 175 -14.30 -13.75 6.07
CA GLY A 175 -13.68 -12.83 6.99
C GLY A 175 -14.62 -11.73 7.43
N LYS A 176 -15.93 -12.03 7.51
CA LYS A 176 -16.90 -10.94 7.64
C LYS A 176 -16.71 -10.15 8.92
N ASP A 177 -16.27 -10.80 10.00
CA ASP A 177 -16.09 -10.12 11.29
C ASP A 177 -15.10 -8.96 11.21
N THR A 178 -14.18 -8.98 10.25
CA THR A 178 -13.21 -7.92 10.07
C THR A 178 -13.39 -7.17 8.76
N LEU A 179 -13.56 -7.88 7.63
CA LEU A 179 -13.66 -7.21 6.34
C LEU A 179 -14.93 -6.39 6.20
N GLN A 180 -15.99 -6.76 6.91
CA GLN A 180 -17.27 -6.07 6.80
C GLN A 180 -17.63 -5.27 8.04
N ARG A 181 -16.76 -5.19 9.03
CA ARG A 181 -16.94 -4.26 10.15
C ARG A 181 -16.22 -2.97 9.80
N ALA A 182 -16.94 -1.85 9.82
CA ALA A 182 -16.30 -0.55 9.71
C ALA A 182 -15.89 -0.11 11.10
N GLU A 183 -14.59 0.11 11.30
CA GLU A 183 -14.06 0.47 12.60
C GLU A 183 -13.84 1.97 12.64
N PRO A 184 -14.53 2.70 13.51
CA PRO A 184 -14.51 4.16 13.41
C PRO A 184 -13.24 4.72 13.98
N PRO A 185 -12.81 5.89 13.53
CA PRO A 185 -11.61 6.51 14.12
C PRO A 185 -11.85 6.88 15.57
N LYS A 186 -10.81 6.73 16.39
CA LYS A 186 -10.75 7.41 17.68
C LYS A 186 -10.11 8.76 17.43
N THR A 187 -10.80 9.83 17.81
CA THR A 187 -10.37 11.17 17.39
C THR A 187 -10.10 12.06 18.59
N HIS A 188 -9.14 12.96 18.42
CA HIS A 188 -8.86 14.00 19.41
C HIS A 188 -7.99 15.07 18.76
N VAL A 189 -7.94 16.23 19.43
CA VAL A 189 -7.17 17.39 18.98
C VAL A 189 -6.12 17.71 20.05
N THR A 190 -4.89 17.94 19.60
CA THR A 190 -3.82 18.32 20.50
C THR A 190 -3.34 19.72 20.14
N ARG A 191 -2.59 20.33 21.06
CA ARG A 191 -2.17 21.71 20.95
C ARG A 191 -0.67 21.82 21.22
N HIS A 192 0.03 22.63 20.43
CA HIS A 192 1.49 22.69 20.50
C HIS A 192 1.96 24.10 20.17
N PRO A 193 3.06 24.55 20.78
CA PRO A 193 3.61 25.88 20.44
C PRO A 193 4.24 25.86 19.06
N SER A 194 4.58 27.05 18.56
CA SER A 194 5.13 27.15 17.21
C SER A 194 6.08 28.32 17.02
N SER A 195 5.63 29.34 16.28
CA SER A 195 6.49 30.46 15.92
C SER A 195 5.91 31.80 16.32
N ASP A 196 6.24 32.86 15.57
CA ASP A 196 5.69 34.18 15.82
C ASP A 196 4.20 34.17 15.50
N LEU A 197 3.37 34.46 16.51
CA LEU A 197 1.92 34.40 16.41
C LEU A 197 1.47 33.06 15.81
N GLY A 198 1.92 31.98 16.45
CA GLY A 198 1.70 30.64 15.94
C GLY A 198 1.54 29.55 16.98
N VAL A 199 0.39 28.89 16.96
CA VAL A 199 0.10 27.72 17.79
C VAL A 199 -0.53 26.66 16.89
N THR A 200 -0.10 25.41 17.00
CA THR A 200 -0.52 24.37 16.08
C THR A 200 -1.57 23.48 16.75
N LEU A 201 -2.69 23.28 16.07
CA LEU A 201 -3.70 22.31 16.48
C LEU A 201 -3.63 21.12 15.54
N ARG A 202 -3.61 19.92 16.11
CA ARG A 202 -3.50 18.70 15.33
C ARG A 202 -4.73 17.85 15.63
N CYS A 203 -5.48 17.52 14.60
CA CYS A 203 -6.66 16.70 14.74
C CYS A 203 -6.29 15.28 14.35
N TRP A 204 -6.40 14.37 15.29
CA TRP A 204 -5.99 12.98 15.12
C TRP A 204 -7.18 12.09 14.82
N ALA A 205 -6.97 11.12 13.94
CA ALA A 205 -7.94 10.04 13.71
C ALA A 205 -7.15 8.74 13.79
N LEU A 206 -7.42 7.91 14.80
CA LEU A 206 -6.60 6.72 15.05
C LEU A 206 -7.44 5.45 15.01
N GLY A 207 -6.89 4.41 14.39
CA GLY A 207 -7.47 3.08 14.49
C GLY A 207 -8.67 2.81 13.60
N PHE A 208 -8.79 3.48 12.47
CA PHE A 208 -9.99 3.32 11.65
C PHE A 208 -9.77 2.29 10.53
N TYR A 209 -10.88 1.76 10.03
CA TYR A 209 -10.88 0.78 8.94
C TYR A 209 -12.26 0.87 8.29
N PRO A 210 -12.37 1.01 6.97
CA PRO A 210 -11.28 1.01 5.98
C PRO A 210 -10.51 2.32 5.92
N LYS A 211 -9.61 2.39 4.94
CA LYS A 211 -8.59 3.41 4.90
C LYS A 211 -9.13 4.79 4.51
N GLU A 212 -10.18 4.82 3.66
CA GLU A 212 -10.72 6.08 3.16
C GLU A 212 -11.32 6.91 4.30
N ILE A 213 -10.93 8.18 4.38
CA ILE A 213 -11.39 9.06 5.45
C ILE A 213 -11.31 10.49 4.92
N SER A 214 -12.05 11.40 5.53
CA SER A 214 -11.92 12.82 5.23
C SER A 214 -11.67 13.57 6.53
N LEU A 215 -10.52 14.25 6.61
CA LEU A 215 -10.18 15.13 7.72
C LEU A 215 -10.02 16.54 7.19
N THR A 216 -10.72 17.51 7.80
CA THR A 216 -10.60 18.91 7.38
C THR A 216 -10.74 19.83 8.60
N TRP A 217 -10.17 21.02 8.46
CA TRP A 217 -10.28 22.10 9.44
C TRP A 217 -11.17 23.21 8.88
N GLN A 218 -11.91 23.87 9.78
CA GLN A 218 -12.81 24.95 9.43
C GLN A 218 -12.71 26.07 10.46
N ARG A 219 -12.79 27.32 9.99
CA ARG A 219 -13.00 28.48 10.85
C ARG A 219 -14.33 29.09 10.46
N GLU A 220 -15.25 29.17 11.42
CA GLU A 220 -16.64 29.61 11.16
C GLU A 220 -17.28 28.84 10.01
N GLY A 221 -16.92 27.56 9.85
CA GLY A 221 -17.45 26.81 8.74
C GLY A 221 -16.78 27.07 7.41
N GLN A 222 -15.71 27.85 7.39
CA GLN A 222 -14.96 28.10 6.16
C GLN A 222 -13.74 27.19 6.14
N ASP A 223 -13.56 26.48 5.04
CA ASP A 223 -12.52 25.47 4.93
C ASP A 223 -11.13 26.10 4.98
N GLN A 224 -10.24 25.48 5.75
CA GLN A 224 -8.87 25.97 5.96
C GLN A 224 -7.83 25.11 5.27
N SER A 225 -8.21 24.35 4.24
CA SER A 225 -7.32 23.36 3.65
C SER A 225 -6.08 23.99 3.02
N GLN A 226 -6.11 25.28 2.72
CA GLN A 226 -4.97 25.92 2.06
C GLN A 226 -3.74 25.98 2.97
N ASP A 227 -3.94 26.21 4.27
CA ASP A 227 -2.84 26.40 5.20
C ASP A 227 -2.59 25.20 6.12
N MET A 228 -3.38 24.14 6.01
CA MET A 228 -3.24 23.02 6.93
C MET A 228 -2.27 21.99 6.37
N GLU A 229 -1.68 21.20 7.27
CA GLU A 229 -0.81 20.09 6.89
C GLU A 229 -1.60 18.80 7.07
N LEU A 230 -1.71 18.02 6.00
CA LEU A 230 -2.44 16.76 6.01
C LEU A 230 -1.46 15.65 5.66
N VAL A 231 -1.19 14.73 6.60
CA VAL A 231 -0.26 13.64 6.30
C VAL A 231 -0.99 12.54 5.55
N GLU A 232 -0.25 11.83 4.71
CA GLU A 232 -0.78 10.64 4.07
C GLU A 232 -1.29 9.64 5.12
N THR A 233 -2.43 9.03 4.83
CA THR A 233 -2.96 7.98 5.70
C THR A 233 -1.94 6.85 5.81
N ARG A 234 -1.76 6.34 7.03
CA ARG A 234 -0.65 5.47 7.34
C ARG A 234 -1.13 4.27 8.16
N PRO A 235 -0.49 3.13 7.99
CA PRO A 235 -0.96 1.90 8.66
C PRO A 235 -0.63 1.94 10.15
N SER A 236 -1.57 1.46 10.96
CA SER A 236 -1.29 1.36 12.39
C SER A 236 -0.32 0.23 12.74
N GLY A 237 -0.21 -0.79 11.91
CA GLY A 237 0.49 -2.00 12.25
C GLY A 237 -0.43 -3.14 12.63
N ASP A 238 -1.65 -2.84 13.09
CA ASP A 238 -2.60 -3.87 13.53
C ASP A 238 -3.73 -4.12 12.53
N GLY A 239 -3.63 -3.65 11.28
CA GLY A 239 -4.70 -3.78 10.32
C GLY A 239 -5.55 -2.52 10.13
N THR A 240 -5.47 -1.58 11.07
CA THR A 240 -6.15 -0.30 11.02
C THR A 240 -5.21 0.79 10.50
N PHE A 241 -5.73 2.00 10.39
CA PHE A 241 -5.01 3.10 9.76
C PHE A 241 -5.05 4.33 10.66
N GLN A 242 -4.13 5.26 10.39
CA GLN A 242 -3.98 6.51 11.14
C GLN A 242 -3.85 7.65 10.16
N LYS A 243 -4.28 8.84 10.60
CA LYS A 243 -4.13 10.07 9.83
C LYS A 243 -4.30 11.25 10.77
N TRP A 244 -3.66 12.39 10.44
CA TRP A 244 -3.91 13.63 11.17
C TRP A 244 -3.83 14.84 10.25
N ALA A 245 -4.40 15.95 10.71
CA ALA A 245 -4.41 17.22 10.01
C ALA A 245 -4.06 18.29 11.02
N ALA A 246 -3.20 19.24 10.65
CA ALA A 246 -2.74 20.26 11.58
C ALA A 246 -2.77 21.65 10.95
N LEU A 247 -2.97 22.65 11.80
CA LEU A 247 -3.14 24.02 11.36
C LEU A 247 -2.55 24.96 12.41
N VAL A 248 -1.93 26.05 11.94
CA VAL A 248 -1.44 27.09 12.84
C VAL A 248 -2.53 28.14 13.01
N VAL A 249 -2.88 28.44 14.26
CA VAL A 249 -3.97 29.37 14.56
C VAL A 249 -3.41 30.47 15.44
N PRO A 250 -4.07 31.64 15.48
CA PRO A 250 -3.58 32.75 16.33
C PRO A 250 -3.73 32.43 17.80
N PRO A 251 -2.76 32.82 18.62
CA PRO A 251 -2.83 32.51 20.05
C PRO A 251 -4.05 33.14 20.70
N GLY A 252 -4.81 32.32 21.42
CA GLY A 252 -6.04 32.74 22.06
C GLY A 252 -7.31 32.39 21.30
N GLU A 253 -7.20 32.08 20.00
CA GLU A 253 -8.35 31.89 19.14
C GLU A 253 -8.64 30.41 18.85
N GLU A 254 -8.25 29.51 19.75
CA GLU A 254 -8.38 28.08 19.45
C GLU A 254 -9.84 27.68 19.23
N GLN A 255 -10.76 28.31 19.95
CA GLN A 255 -12.16 27.85 19.94
C GLN A 255 -12.89 28.20 18.66
N SER A 256 -12.29 28.98 17.78
CA SER A 256 -12.89 29.32 16.49
C SER A 256 -12.72 28.22 15.45
N TYR A 257 -11.85 27.24 15.69
CA TYR A 257 -11.53 26.23 14.70
C TYR A 257 -12.13 24.87 15.11
N THR A 258 -12.69 24.18 14.14
CA THR A 258 -13.25 22.85 14.38
C THR A 258 -12.71 21.88 13.35
N CYS A 259 -12.38 20.67 13.80
CA CYS A 259 -11.94 19.61 12.90
C CYS A 259 -13.12 18.72 12.57
N HIS A 260 -13.24 18.37 11.30
CA HIS A 260 -14.40 17.64 10.80
C HIS A 260 -13.92 16.31 10.26
N VAL A 261 -14.56 15.23 10.69
CA VAL A 261 -14.16 13.87 10.33
C VAL A 261 -15.34 13.18 9.65
N GLN A 262 -15.08 12.58 8.50
CA GLN A 262 -16.05 11.70 7.85
C GLN A 262 -15.41 10.33 7.61
N HIS A 263 -16.11 9.28 8.01
CA HIS A 263 -15.62 7.92 7.87
C HIS A 263 -16.83 7.01 7.88
N GLU A 264 -16.82 5.99 7.03
CA GLU A 264 -18.01 5.16 6.89
C GLU A 264 -18.34 4.39 8.16
N GLY A 265 -17.46 4.40 9.15
CA GLY A 265 -17.74 3.79 10.44
C GLY A 265 -18.41 4.71 11.44
N LEU A 266 -18.77 5.93 11.06
CA LEU A 266 -19.47 6.87 11.92
C LEU A 266 -20.88 7.08 11.38
N GLN A 267 -21.88 7.06 12.28
CA GLN A 267 -23.26 7.29 11.86
C GLN A 267 -23.41 8.66 11.20
N GLU A 268 -22.83 9.68 11.80
CA GLU A 268 -22.81 11.03 11.25
C GLU A 268 -21.39 11.57 11.34
N PRO A 269 -21.02 12.50 10.46
CA PRO A 269 -19.71 13.15 10.61
C PRO A 269 -19.49 13.66 12.03
N LEU A 270 -18.23 13.65 12.44
CA LEU A 270 -17.82 14.18 13.72
C LEU A 270 -17.39 15.63 13.57
N THR A 271 -17.67 16.42 14.59
CA THR A 271 -17.08 17.74 14.76
C THR A 271 -16.39 17.76 16.11
N LEU A 272 -15.13 18.20 16.13
CA LEU A 272 -14.40 18.25 17.39
C LEU A 272 -13.52 19.49 17.39
N ARG A 273 -13.00 19.82 18.56
CA ARG A 273 -12.18 21.01 18.72
C ARG A 273 -11.28 20.84 19.93
N TRP A 274 -10.34 21.78 20.07
CA TRP A 274 -9.40 21.76 21.20
C TRP A 274 -10.13 21.91 22.53
N ASP A 275 -9.88 20.97 23.44
CA ASP A 275 -10.47 20.95 24.79
C ASP A 275 -9.45 20.60 25.87
N VAL B 3 12.30 7.98 -14.65
CA VAL B 3 12.97 8.65 -13.55
C VAL B 3 12.52 8.03 -12.23
N ALA B 4 13.47 7.85 -11.30
CA ALA B 4 13.16 7.29 -9.99
C ALA B 4 12.34 8.27 -9.17
N ARG B 5 11.58 7.73 -8.21
CA ARG B 5 10.78 8.55 -7.34
C ARG B 5 11.22 8.38 -5.88
N PRO B 6 11.35 9.48 -5.15
CA PRO B 6 11.91 9.41 -3.80
C PRO B 6 10.87 8.95 -2.78
N PRO B 7 11.32 8.35 -1.68
CA PRO B 7 10.40 7.94 -0.62
C PRO B 7 9.95 9.09 0.26
N LYS B 8 8.67 9.08 0.62
CA LYS B 8 8.21 9.82 1.80
C LYS B 8 8.33 8.90 3.01
N VAL B 9 8.59 9.49 4.19
CA VAL B 9 8.89 8.74 5.42
C VAL B 9 8.09 9.29 6.59
N GLN B 10 7.32 8.44 7.25
CA GLN B 10 6.69 8.85 8.49
C GLN B 10 7.07 7.85 9.56
N VAL B 11 7.38 8.38 10.75
CA VAL B 11 7.73 7.61 11.94
C VAL B 11 6.72 7.95 13.03
N TYR B 12 6.15 6.94 13.67
CA TYR B 12 5.03 7.19 14.57
C TYR B 12 4.80 5.96 15.43
N SER B 13 4.10 6.17 16.55
CA SER B 13 3.75 5.05 17.40
C SER B 13 2.37 4.52 17.02
N ARG B 14 2.14 3.24 17.28
CA ARG B 14 0.81 2.67 17.00
C ARG B 14 -0.26 3.34 17.86
N HIS B 15 0.01 3.48 19.16
CA HIS B 15 -0.87 4.17 20.10
C HIS B 15 -0.21 5.44 20.61
N PRO B 16 -1.00 6.40 21.13
CA PRO B 16 -0.39 7.57 21.76
C PRO B 16 0.59 7.12 22.84
N ALA B 17 1.80 7.67 22.77
CA ALA B 17 2.88 7.18 23.61
C ALA B 17 2.69 7.62 25.05
N GLU B 18 3.08 6.75 25.96
CA GLU B 18 3.03 7.05 27.38
C GLU B 18 4.23 6.36 28.01
N ASN B 19 5.10 7.14 28.63
CA ASN B 19 6.34 6.61 29.20
C ASN B 19 6.08 5.38 30.06
N GLY B 20 6.87 4.34 29.83
CA GLY B 20 6.72 3.10 30.55
C GLY B 20 5.65 2.17 30.02
N LYS B 21 4.82 2.61 29.06
CA LYS B 21 3.76 1.74 28.56
C LYS B 21 4.19 1.12 27.23
N PRO B 22 4.13 -0.21 27.11
CA PRO B 22 4.55 -0.85 25.86
C PRO B 22 3.72 -0.37 24.68
N ASN B 23 4.38 -0.22 23.53
CA ASN B 23 3.80 0.36 22.32
C ASN B 23 4.38 -0.35 21.10
N TYR B 24 4.11 0.19 19.93
CA TYR B 24 4.75 -0.25 18.70
C TYR B 24 5.28 0.98 17.97
N LEU B 25 6.43 0.83 17.33
CA LEU B 25 7.07 1.90 16.61
C LEU B 25 7.04 1.62 15.11
N ASN B 26 6.53 2.57 14.33
CA ASN B 26 6.30 2.37 12.92
C ASN B 26 7.13 3.33 12.10
N CYS B 27 7.82 2.79 11.09
CA CYS B 27 8.36 3.57 9.99
C CYS B 27 7.61 3.17 8.73
N TYR B 28 6.80 4.08 8.19
CA TYR B 28 6.04 3.85 6.96
C TYR B 28 6.73 4.61 5.83
N VAL B 29 7.10 3.89 4.78
CA VAL B 29 7.88 4.47 3.69
C VAL B 29 7.13 4.22 2.39
N SER B 30 6.83 5.30 1.65
CA SER B 30 5.91 5.17 0.52
C SER B 30 6.29 6.13 -0.61
N GLY B 31 5.68 5.90 -1.78
CA GLY B 31 5.87 6.75 -2.95
C GLY B 31 7.15 6.51 -3.74
N PHE B 32 7.91 5.45 -3.46
CA PHE B 32 9.25 5.34 -4.03
C PHE B 32 9.28 4.32 -5.16
N HIS B 33 10.30 4.49 -6.02
CA HIS B 33 10.58 3.65 -7.19
C HIS B 33 12.01 3.94 -7.63
N PRO B 34 12.86 2.95 -7.90
CA PRO B 34 12.67 1.50 -7.91
C PRO B 34 12.49 0.93 -6.48
N PRO B 35 12.14 -0.35 -6.36
CA PRO B 35 11.79 -0.87 -5.03
C PRO B 35 12.98 -1.13 -4.10
N GLN B 36 14.21 -1.20 -4.60
CA GLN B 36 15.32 -1.46 -3.68
C GLN B 36 15.47 -0.30 -2.72
N ILE B 37 15.49 -0.61 -1.42
CA ILE B 37 15.54 0.43 -0.41
C ILE B 37 16.08 -0.20 0.87
N GLU B 38 16.70 0.61 1.71
CA GLU B 38 17.07 0.18 3.06
C GLU B 38 16.35 1.07 4.05
N ILE B 39 15.57 0.45 4.93
CA ILE B 39 14.81 1.17 5.95
C ILE B 39 15.23 0.61 7.30
N ASP B 40 15.71 1.48 8.18
CA ASP B 40 16.22 1.02 9.46
C ASP B 40 15.60 1.82 10.59
N LEU B 41 14.99 1.13 11.53
CA LEU B 41 14.59 1.76 12.78
C LEU B 41 15.79 1.83 13.70
N LEU B 42 15.99 2.99 14.31
CA LEU B 42 17.12 3.24 15.20
C LEU B 42 16.65 3.54 16.61
N LYS B 43 17.39 3.02 17.58
CA LYS B 43 17.26 3.42 18.98
C LYS B 43 18.60 4.01 19.38
N ASN B 44 18.61 5.30 19.71
CA ASN B 44 19.84 6.02 20.03
C ASN B 44 20.92 5.77 18.98
N GLY B 45 20.51 5.71 17.71
CA GLY B 45 21.45 5.52 16.63
C GLY B 45 21.80 4.10 16.27
N GLU B 46 21.45 3.12 17.11
CA GLU B 46 21.74 1.72 16.81
C GLU B 46 20.53 1.06 16.18
N LYS B 47 20.76 0.23 15.15
CA LYS B 47 19.67 -0.36 14.39
C LYS B 47 18.91 -1.39 15.22
N MET B 48 17.58 -1.33 15.19
CA MET B 48 16.73 -2.34 15.82
C MET B 48 16.38 -3.41 14.82
N ASN B 49 16.11 -4.62 15.32
CA ASN B 49 15.80 -5.77 14.46
C ASN B 49 14.29 -5.82 14.21
N ALA B 50 13.83 -4.93 13.33
CA ALA B 50 12.41 -4.67 13.12
C ALA B 50 11.87 -5.44 11.92
N GLU B 51 10.62 -5.87 12.05
CA GLU B 51 9.97 -6.62 10.98
C GLU B 51 9.60 -5.69 9.82
N GLN B 52 9.71 -6.20 8.59
CA GLN B 52 9.34 -5.45 7.39
C GLN B 52 8.17 -6.11 6.67
N SER B 53 7.20 -5.29 6.26
CA SER B 53 6.02 -5.77 5.53
C SER B 53 6.39 -6.30 4.13
N ASP B 54 5.45 -7.03 3.54
CA ASP B 54 5.65 -7.52 2.18
C ASP B 54 5.59 -6.36 1.21
N LEU B 55 6.45 -6.42 0.18
CA LEU B 55 6.50 -5.37 -0.84
C LEU B 55 5.19 -5.28 -1.60
N SER B 56 4.62 -4.08 -1.63
CA SER B 56 3.37 -3.81 -2.32
C SER B 56 3.48 -2.44 -2.97
N PHE B 57 2.48 -2.08 -3.76
CA PHE B 57 2.51 -0.77 -4.41
C PHE B 57 1.11 -0.23 -4.65
N SER B 58 1.08 1.06 -5.02
CA SER B 58 -0.11 1.87 -5.16
C SER B 58 -0.57 1.91 -6.62
N LYS B 59 -1.68 2.59 -6.84
CA LYS B 59 -2.22 2.66 -8.20
C LYS B 59 -1.29 3.38 -9.15
N ASP B 60 -0.39 4.22 -8.65
CA ASP B 60 0.56 4.91 -9.52
C ASP B 60 1.86 4.12 -9.70
N TRP B 61 1.88 2.87 -9.24
CA TRP B 61 2.99 1.93 -9.29
C TRP B 61 4.09 2.16 -8.23
N SER B 62 4.01 3.19 -7.39
CA SER B 62 5.07 3.44 -6.43
C SER B 62 4.91 2.51 -5.21
N PHE B 63 6.05 2.12 -4.65
CA PHE B 63 6.08 1.09 -3.61
C PHE B 63 5.83 1.68 -2.23
N TYR B 64 5.38 0.82 -1.31
CA TYR B 64 5.26 1.21 0.10
C TYR B 64 5.63 0.02 0.98
N LEU B 65 6.22 0.34 2.11
CA LEU B 65 6.67 -0.64 3.10
C LEU B 65 6.49 -0.06 4.49
N LEU B 66 6.15 -0.94 5.44
CA LEU B 66 6.10 -0.60 6.84
C LEU B 66 7.14 -1.42 7.58
N VAL B 67 8.02 -0.75 8.31
CA VAL B 67 8.98 -1.42 9.21
C VAL B 67 8.55 -1.10 10.63
N HIS B 68 8.46 -2.13 11.49
CA HIS B 68 7.81 -1.90 12.77
C HIS B 68 8.36 -2.84 13.84
N THR B 69 8.37 -2.35 15.08
CA THR B 69 8.84 -3.17 16.19
C THR B 69 8.14 -2.74 17.48
N GLU B 70 8.10 -3.67 18.43
CA GLU B 70 7.68 -3.35 19.79
C GLU B 70 8.68 -2.41 20.44
N PHE B 71 8.17 -1.45 21.22
CA PHE B 71 9.04 -0.63 22.04
C PHE B 71 8.25 -0.03 23.20
N THR B 72 8.98 0.31 24.26
CA THR B 72 8.41 0.97 25.44
C THR B 72 9.04 2.34 25.54
N PRO B 73 8.35 3.40 25.12
CA PRO B 73 8.97 4.73 25.15
C PRO B 73 9.19 5.19 26.58
N ASN B 74 10.14 6.10 26.74
CA ASN B 74 10.42 6.72 28.03
C ASN B 74 11.09 8.06 27.77
N ALA B 75 11.53 8.71 28.85
CA ALA B 75 11.90 10.12 28.78
C ALA B 75 13.24 10.36 28.10
N VAL B 76 14.08 9.34 27.95
CA VAL B 76 15.47 9.52 27.52
C VAL B 76 15.73 8.95 26.13
N ASP B 77 15.20 7.77 25.83
CA ASP B 77 15.57 7.08 24.60
C ASP B 77 15.06 7.83 23.37
N GLN B 78 15.92 7.89 22.34
CA GLN B 78 15.63 8.59 21.11
C GLN B 78 15.44 7.56 19.99
N TYR B 79 14.36 7.73 19.22
CA TYR B 79 14.11 6.84 18.11
C TYR B 79 14.05 7.63 16.81
N SER B 80 14.49 6.98 15.74
CA SER B 80 14.48 7.59 14.43
C SER B 80 14.34 6.47 13.41
N CYS B 81 14.03 6.87 12.18
CA CYS B 81 14.05 5.96 11.06
C CYS B 81 14.97 6.54 10.01
N ARG B 82 15.80 5.68 9.42
CA ARG B 82 16.83 6.08 8.48
C ARG B 82 16.63 5.33 7.17
N VAL B 83 16.53 6.06 6.07
CA VAL B 83 16.16 5.48 4.78
C VAL B 83 17.26 5.80 3.76
N LYS B 84 17.70 4.76 3.04
CA LYS B 84 18.63 4.91 1.93
C LYS B 84 17.94 4.45 0.65
N HIS B 85 17.99 5.30 -0.37
CA HIS B 85 17.37 5.03 -1.67
C HIS B 85 18.21 5.74 -2.72
N VAL B 86 18.10 5.26 -3.96
CA VAL B 86 18.92 5.81 -5.04
C VAL B 86 18.58 7.28 -5.29
N THR B 87 17.36 7.71 -4.96
CA THR B 87 17.01 9.12 -5.09
C THR B 87 17.61 10.00 -4.00
N LEU B 88 18.27 9.44 -3.00
CA LEU B 88 18.80 10.18 -1.86
C LEU B 88 20.32 10.07 -1.87
N ASP B 89 21.00 11.22 -2.03
CA ASP B 89 22.45 11.20 -2.06
C ASP B 89 23.05 10.94 -0.68
N LYS B 90 22.38 11.39 0.38
CA LYS B 90 22.67 11.10 1.77
C LYS B 90 21.43 10.49 2.43
N PRO B 91 21.60 9.59 3.40
CA PRO B 91 20.44 8.89 3.95
C PRO B 91 19.48 9.86 4.64
N LYS B 92 18.19 9.64 4.43
CA LYS B 92 17.19 10.46 5.09
C LYS B 92 16.91 9.91 6.48
N ILE B 93 16.81 10.83 7.46
CA ILE B 93 16.61 10.46 8.84
C ILE B 93 15.44 11.28 9.36
N VAL B 94 14.38 10.59 9.80
CA VAL B 94 13.25 11.23 10.42
C VAL B 94 13.23 10.77 11.87
N LYS B 95 13.07 11.72 12.79
CA LYS B 95 13.08 11.42 14.20
C LYS B 95 11.65 11.23 14.69
N TRP B 96 11.48 10.30 15.61
CA TRP B 96 10.18 10.11 16.22
C TRP B 96 9.95 11.14 17.31
N ASP B 97 8.72 11.66 17.39
CA ASP B 97 8.29 12.35 18.60
C ASP B 97 6.80 12.10 18.80
N ARG B 98 6.37 12.21 20.05
CA ARG B 98 5.01 11.82 20.43
C ARG B 98 3.94 12.66 19.74
N ASP B 99 4.33 13.79 19.15
CA ASP B 99 3.38 14.80 18.67
C ASP B 99 3.05 14.67 17.19
N HIS B 100 3.69 13.73 16.49
CA HIS B 100 3.51 13.55 15.05
C HIS B 100 3.32 12.07 14.70
N SER C 1 -8.78 -15.50 -5.25
CA SER C 1 -8.13 -16.53 -6.04
C SER C 1 -7.45 -15.93 -7.26
N LEU C 2 -6.21 -16.36 -7.49
CA LEU C 2 -5.37 -15.81 -8.54
C LEU C 2 -5.92 -16.10 -9.93
N ASP C 3 -5.59 -15.20 -10.85
CA ASP C 3 -5.72 -15.47 -12.29
C ASP C 3 -4.58 -16.39 -12.69
N GLU C 4 -4.90 -17.60 -13.14
CA GLU C 4 -3.85 -18.58 -13.43
C GLU C 4 -3.13 -18.31 -14.75
N TYR C 5 -3.70 -17.54 -15.66
CA TYR C 5 -3.11 -17.45 -16.99
C TYR C 5 -1.91 -16.50 -16.99
N SER C 6 -0.81 -16.94 -17.60
CA SER C 6 0.39 -16.13 -17.79
C SER C 6 0.63 -15.95 -19.27
N SER C 7 0.95 -14.73 -19.70
CA SER C 7 1.29 -14.48 -21.10
C SER C 7 2.55 -13.65 -21.19
N ASP C 8 3.55 -14.16 -21.93
CA ASP C 8 4.82 -13.48 -22.09
C ASP C 8 4.66 -12.09 -22.69
N VAL C 9 5.31 -11.12 -22.07
CA VAL C 9 5.43 -9.76 -22.57
C VAL C 9 6.11 -9.73 -23.95
#